data_3K8H
#
_entry.id   3K8H
#
_cell.length_a   145.297
_cell.length_b   44.764
_cell.length_c   96.965
_cell.angle_alpha   90.00
_cell.angle_beta   99.75
_cell.angle_gamma   90.00
#
_symmetry.space_group_name_H-M   'C 1 2 1'
#
loop_
_entity.id
_entity.type
_entity.pdbx_description
1 polymer 30kLP
2 non-polymer (4S)-2-METHYL-2,4-PENTANEDIOL
3 water water
#
_entity_poly.entity_id   1
_entity_poly.type   'polypeptide(L)'
_entity_poly.pdbx_seq_one_letter_code
;GSGAWKASVDPLGVVGSGADVYLYFPVAGNENLISRIIENHESKADIKKIVDRTTAVYGAFFARSKEFRLFGSGSYPYAF
TNLIFSRSDGWASTKTEHGITYYESEHTDVSIPAPHFSCVIFGSSKRERMSKMLSRLVNPDRPQLPPRFEKECTSEGTSQ
TVALYIKNGGHFITKLLNFPQLNLPLGAMELYLTARRNEYLYTLSLQLGNAKINFPIQFLISRVLNAHIHVEGDRLIIED
GTISAERLASVISSLYSKKGSS
;
_entity_poly.pdbx_strand_id   A,B
#
loop_
_chem_comp.id
_chem_comp.type
_chem_comp.name
_chem_comp.formula
MPD non-polymer (4S)-2-METHYL-2,4-PENTANEDIOL 'C6 H14 O2'
#
# COMPACT_ATOMS: atom_id res chain seq x y z
N TRP A 5 -7.58 39.18 0.77
CA TRP A 5 -7.49 38.00 -0.13
C TRP A 5 -7.59 36.69 0.66
N LYS A 6 -7.08 36.72 1.89
CA LYS A 6 -6.92 35.54 2.74
C LYS A 6 -8.27 34.88 3.06
N ALA A 7 -9.29 35.72 3.30
CA ALA A 7 -10.68 35.33 3.62
C ALA A 7 -11.13 33.95 3.12
N SER A 8 -11.04 33.71 1.81
CA SER A 8 -11.17 32.37 1.22
C SER A 8 -10.83 32.35 -0.27
N VAL A 9 -10.19 31.26 -0.70
CA VAL A 9 -9.74 31.12 -2.08
C VAL A 9 -10.14 29.74 -2.62
N ASP A 10 -10.47 29.69 -3.92
CA ASP A 10 -10.71 28.43 -4.61
C ASP A 10 -9.43 27.97 -5.34
N PRO A 11 -8.80 26.90 -4.81
CA PRO A 11 -7.51 26.43 -5.32
C PRO A 11 -7.50 26.17 -6.83
N LEU A 12 -8.65 25.78 -7.39
CA LEU A 12 -8.78 25.49 -8.82
C LEU A 12 -8.76 26.76 -9.66
N GLY A 13 -9.33 27.84 -9.11
CA GLY A 13 -9.20 29.17 -9.71
C GLY A 13 -7.76 29.72 -9.71
N VAL A 14 -6.95 29.26 -8.76
CA VAL A 14 -5.56 29.67 -8.63
C VAL A 14 -4.63 28.93 -9.63
N VAL A 15 -4.80 27.61 -9.76
CA VAL A 15 -4.01 26.88 -10.77
C VAL A 15 -4.32 27.27 -12.24
N GLY A 16 -5.58 27.66 -12.52
CA GLY A 16 -5.92 28.36 -13.77
C GLY A 16 -6.83 27.58 -14.70
N SER A 17 -7.55 28.28 -15.58
CA SER A 17 -8.44 27.61 -16.51
C SER A 17 -7.71 27.23 -17.80
N GLY A 18 -8.30 26.36 -18.61
CA GLY A 18 -7.71 26.02 -19.92
C GLY A 18 -6.73 24.85 -19.92
N ALA A 19 -6.55 24.18 -18.77
CA ALA A 19 -5.54 23.13 -18.65
C ALA A 19 -5.99 21.85 -19.36
N ASP A 20 -5.02 21.02 -19.71
CA ASP A 20 -5.30 19.75 -20.40
C ASP A 20 -5.64 18.64 -19.43
N VAL A 21 -5.13 18.76 -18.19
CA VAL A 21 -5.42 17.81 -17.13
C VAL A 21 -5.58 18.55 -15.78
N TYR A 22 -6.66 18.25 -15.05
CA TYR A 22 -6.84 18.73 -13.66
C TYR A 22 -6.65 17.54 -12.75
N LEU A 23 -6.00 17.77 -11.61
CA LEU A 23 -5.68 16.69 -10.68
C LEU A 23 -5.99 17.14 -9.26
N TYR A 24 -6.49 16.20 -8.45
CA TYR A 24 -6.64 16.44 -7.02
C TYR A 24 -6.14 15.23 -6.23
N PHE A 25 -5.16 15.45 -5.36
CA PHE A 25 -4.63 14.42 -4.43
C PHE A 25 -4.82 14.85 -3.01
N PRO A 26 -5.65 14.12 -2.23
CA PRO A 26 -5.47 14.27 -0.80
C PRO A 26 -4.19 13.50 -0.36
N VAL A 27 -3.35 14.10 0.48
CA VAL A 27 -2.04 13.49 0.80
C VAL A 27 -2.17 12.20 1.63
N ALA A 28 -2.98 12.24 2.70
CA ALA A 28 -3.23 11.04 3.54
C ALA A 28 -3.75 9.85 2.72
N GLY A 29 -3.01 8.75 2.81
CA GLY A 29 -3.33 7.54 2.07
C GLY A 29 -2.73 7.50 0.68
N ASN A 30 -2.12 8.60 0.25
CA ASN A 30 -1.51 8.65 -1.08
C ASN A 30 -0.08 9.13 -1.09
N GLU A 31 0.60 8.97 0.06
CA GLU A 31 1.97 9.48 0.25
C GLU A 31 2.95 8.83 -0.71
N ASN A 32 2.83 7.52 -0.83
CA ASN A 32 3.71 6.74 -1.70
C ASN A 32 3.65 7.14 -3.17
N LEU A 33 2.43 7.30 -3.69
CA LEU A 33 2.21 7.70 -5.09
C LEU A 33 2.80 9.08 -5.35
N ILE A 34 2.48 10.01 -4.46
CA ILE A 34 2.98 11.37 -4.57
C ILE A 34 4.51 11.37 -4.61
N SER A 35 5.14 10.67 -3.67
CA SER A 35 6.59 10.50 -3.64
C SER A 35 7.17 10.00 -4.94
N ARG A 36 6.58 8.92 -5.46
CA ARG A 36 6.99 8.38 -6.76
C ARG A 36 6.95 9.41 -7.87
N ILE A 37 5.88 10.18 -7.94
CA ILE A 37 5.71 11.17 -9.00
C ILE A 37 6.76 12.26 -8.86
N ILE A 38 6.94 12.74 -7.63
CA ILE A 38 7.98 13.73 -7.35
C ILE A 38 9.37 13.21 -7.74
N GLU A 39 9.66 11.96 -7.40
CA GLU A 39 10.96 11.35 -7.69
C GLU A 39 11.23 11.26 -9.20
N ASN A 40 10.18 10.95 -9.96
CA ASN A 40 10.26 10.88 -11.42
C ASN A 40 10.65 12.20 -12.12
N HIS A 41 10.58 13.31 -11.39
CA HIS A 41 11.04 14.62 -11.89
C HIS A 41 12.17 15.23 -11.04
N GLU A 42 11.87 15.52 -9.78
CA GLU A 42 12.72 16.33 -8.92
C GLU A 42 13.28 15.51 -7.78
N SER A 43 14.56 15.71 -7.47
CA SER A 43 15.24 14.96 -6.42
C SER A 43 15.37 15.77 -5.12
N LYS A 44 15.25 17.10 -5.22
CA LYS A 44 15.33 17.99 -4.05
C LYS A 44 14.29 17.71 -2.96
N ALA A 45 14.76 17.73 -1.72
CA ALA A 45 13.99 17.34 -0.55
C ALA A 45 12.93 18.35 -0.18
N ASP A 46 13.15 19.62 -0.57
CA ASP A 46 12.28 20.72 -0.18
C ASP A 46 10.82 20.37 -0.47
N ILE A 47 10.58 19.90 -1.69
CA ILE A 47 9.23 19.59 -2.17
C ILE A 47 8.62 18.42 -1.40
N LYS A 48 9.40 17.35 -1.20
CA LYS A 48 9.05 16.25 -0.28
C LYS A 48 8.70 16.77 1.11
N LYS A 49 9.46 17.77 1.59
CA LYS A 49 9.23 18.35 2.92
C LYS A 49 7.95 19.17 2.95
N ILE A 50 7.65 19.83 1.84
CA ILE A 50 6.40 20.56 1.69
C ILE A 50 5.23 19.56 1.72
N VAL A 51 5.38 18.46 0.98
CA VAL A 51 4.31 17.47 0.87
C VAL A 51 3.93 16.90 2.24
N ASP A 52 4.93 16.65 3.08
CA ASP A 52 4.70 16.14 4.43
C ASP A 52 3.82 17.03 5.30
N ARG A 53 3.82 18.34 5.04
CA ARG A 53 3.00 19.28 5.80
C ARG A 53 1.78 19.75 5.00
N THR A 54 1.37 18.95 4.01
CA THR A 54 0.25 19.31 3.16
C THR A 54 -0.90 18.33 3.37
N THR A 55 -2.14 18.83 3.40
CA THR A 55 -3.30 17.94 3.47
C THR A 55 -3.88 17.60 2.08
N ALA A 56 -3.81 18.56 1.15
CA ALA A 56 -4.40 18.38 -0.18
C ALA A 56 -3.62 19.12 -1.25
N VAL A 57 -3.56 18.51 -2.42
CA VAL A 57 -2.86 19.07 -3.56
C VAL A 57 -3.83 19.18 -4.73
N TYR A 58 -3.86 20.37 -5.33
CA TYR A 58 -4.65 20.70 -6.52
C TYR A 58 -3.71 21.00 -7.68
N GLY A 59 -3.86 20.30 -8.80
CA GLY A 59 -2.94 20.47 -9.90
C GLY A 59 -3.60 20.72 -11.25
N ALA A 60 -2.84 21.32 -12.15
CA ALA A 60 -3.30 21.51 -13.52
C ALA A 60 -2.07 21.36 -14.39
N PHE A 61 -2.19 20.55 -15.42
CA PHE A 61 -1.12 20.40 -16.39
C PHE A 61 -1.51 21.09 -17.70
N PHE A 62 -0.58 21.81 -18.30
CA PHE A 62 -0.81 22.59 -19.51
C PHE A 62 0.17 22.12 -20.59
N ALA A 63 -0.34 21.43 -21.60
CA ALA A 63 0.50 20.81 -22.62
C ALA A 63 1.31 21.82 -23.45
N ARG A 64 0.66 22.90 -23.89
CA ARG A 64 1.30 23.88 -24.78
C ARG A 64 2.56 24.49 -24.17
N SER A 65 2.47 24.94 -22.93
CA SER A 65 3.58 25.59 -22.26
C SER A 65 4.38 24.59 -21.43
N LYS A 66 3.97 23.32 -21.50
CA LYS A 66 4.64 22.19 -20.83
C LYS A 66 4.92 22.48 -19.36
N GLU A 67 3.86 22.47 -18.54
CA GLU A 67 4.00 22.88 -17.13
C GLU A 67 2.92 22.30 -16.21
N PHE A 68 3.29 22.07 -14.95
CA PHE A 68 2.36 21.79 -13.90
C PHE A 68 2.25 23.03 -13.02
N ARG A 69 1.03 23.42 -12.69
CA ARG A 69 0.81 24.38 -11.61
C ARG A 69 0.09 23.66 -10.46
N LEU A 70 0.55 23.86 -9.23
CA LEU A 70 0.07 23.09 -8.12
C LEU A 70 -0.19 24.02 -6.97
N PHE A 71 -1.32 23.80 -6.32
CA PHE A 71 -1.67 24.53 -5.13
C PHE A 71 -1.82 23.56 -3.96
N GLY A 72 -1.07 23.77 -2.88
CA GLY A 72 -1.20 22.95 -1.70
C GLY A 72 -1.79 23.68 -0.50
N SER A 73 -2.70 23.05 0.21
CA SER A 73 -3.17 23.61 1.46
C SER A 73 -2.58 22.77 2.59
N GLY A 74 -2.09 23.44 3.63
CA GLY A 74 -1.39 22.76 4.71
C GLY A 74 -0.99 23.66 5.87
N SER A 75 0.23 23.46 6.35
CA SER A 75 0.75 24.20 7.48
C SER A 75 2.23 24.42 7.27
N TYR A 76 2.58 25.66 7.02
CA TYR A 76 3.91 26.01 6.60
C TYR A 76 4.41 27.18 7.46
N PRO A 77 4.79 26.88 8.72
CA PRO A 77 5.28 27.94 9.61
C PRO A 77 6.62 28.50 9.14
N TYR A 78 6.89 29.74 9.49
CA TYR A 78 8.18 30.37 9.22
C TYR A 78 9.37 29.51 9.63
N ALA A 79 9.25 28.83 10.78
CA ALA A 79 10.29 27.94 11.28
C ALA A 79 10.61 26.82 10.30
N PHE A 80 9.59 26.35 9.58
CA PHE A 80 9.77 25.31 8.57
C PHE A 80 10.36 25.89 7.28
N THR A 81 9.73 26.95 6.77
CA THR A 81 10.13 27.55 5.49
C THR A 81 11.53 28.15 5.53
N ASN A 82 11.92 28.72 6.66
CA ASN A 82 13.27 29.25 6.80
C ASN A 82 14.38 28.20 6.65
N LEU A 83 14.06 26.95 6.95
CA LEU A 83 15.03 25.86 6.90
C LEU A 83 15.04 25.06 5.60
N ILE A 84 14.20 25.43 4.63
CA ILE A 84 14.33 24.89 3.28
C ILE A 84 14.70 26.00 2.28
N PHE A 85 14.73 25.65 0.99
CA PHE A 85 15.16 26.56 -0.05
C PHE A 85 16.53 27.14 0.23
N SER A 86 17.49 26.28 0.55
CA SER A 86 18.85 26.79 0.75
C SER A 86 19.54 26.99 -0.59
N ARG A 87 20.39 28.00 -0.64
CA ARG A 87 21.14 28.37 -1.85
C ARG A 87 22.07 27.26 -2.36
N SER A 88 22.51 26.38 -1.45
CA SER A 88 23.40 25.28 -1.83
C SER A 88 22.64 24.18 -2.59
N ASP A 89 21.32 24.28 -2.59
CA ASP A 89 20.48 23.38 -3.37
C ASP A 89 20.00 24.04 -4.67
N GLY A 90 20.47 25.26 -4.93
CA GLY A 90 20.22 25.95 -6.21
C GLY A 90 18.96 26.79 -6.26
N TRP A 91 18.55 27.29 -5.10
CA TRP A 91 17.39 28.14 -4.96
C TRP A 91 17.80 29.59 -4.78
N ALA A 92 17.28 30.45 -5.63
CA ALA A 92 17.38 31.90 -5.43
C ALA A 92 16.04 32.38 -4.91
N SER A 93 16.08 33.35 -4.01
CA SER A 93 14.88 33.97 -3.49
C SER A 93 14.82 35.45 -3.83
N THR A 94 13.63 36.04 -3.70
CA THR A 94 13.43 37.48 -3.85
C THR A 94 12.23 37.96 -3.04
N LYS A 95 12.44 38.91 -2.12
CA LYS A 95 11.34 39.60 -1.44
C LYS A 95 10.65 40.62 -2.36
N THR A 96 9.31 40.63 -2.31
CA THR A 96 8.41 41.56 -3.01
C THR A 96 7.72 40.89 -4.20
N HIS A 98 5.05 42.76 -2.55
CA HIS A 98 4.69 42.94 -1.15
C HIS A 98 5.71 42.19 -0.26
N GLY A 99 5.23 41.53 0.79
CA GLY A 99 6.10 40.75 1.66
C GLY A 99 6.28 39.30 1.23
N ILE A 100 5.73 38.95 0.06
CA ILE A 100 5.78 37.56 -0.41
C ILE A 100 7.11 37.23 -1.10
N THR A 101 7.74 36.16 -0.63
CA THR A 101 9.01 35.72 -1.18
C THR A 101 8.80 34.63 -2.24
N TYR A 102 9.64 34.70 -3.29
CA TYR A 102 9.63 33.72 -4.38
C TYR A 102 10.90 32.89 -4.33
N TYR A 103 10.75 31.59 -4.57
CA TYR A 103 11.89 30.72 -4.68
C TYR A 103 11.94 30.14 -6.09
N GLU A 104 13.08 30.31 -6.73
CA GLU A 104 13.26 29.89 -8.12
C GLU A 104 14.42 28.96 -8.23
N SER A 105 14.29 28.00 -9.13
CA SER A 105 15.34 27.06 -9.48
C SER A 105 15.23 26.80 -10.99
N GLU A 106 16.05 25.89 -11.50
CA GLU A 106 16.08 25.60 -12.93
C GLU A 106 14.67 25.38 -13.52
N HIS A 107 13.95 24.42 -12.96
CA HIS A 107 12.65 23.98 -13.50
C HIS A 107 11.47 24.17 -12.53
N THR A 108 11.75 24.55 -11.30
CA THR A 108 10.73 24.68 -10.26
C THR A 108 10.70 26.07 -9.64
N ASP A 109 9.50 26.62 -9.50
CA ASP A 109 9.28 27.84 -8.76
C ASP A 109 8.30 27.57 -7.64
N VAL A 110 8.57 28.14 -6.48
CA VAL A 110 7.77 27.87 -5.31
C VAL A 110 7.51 29.18 -4.56
N SER A 111 6.28 29.31 -4.07
CA SER A 111 5.93 30.36 -3.14
C SER A 111 5.08 29.83 -1.97
N ILE A 112 5.15 30.51 -0.82
CA ILE A 112 4.30 30.22 0.33
C ILE A 112 3.64 31.52 0.77
N PRO A 113 2.57 31.95 0.07
CA PRO A 113 1.99 33.30 0.26
C PRO A 113 1.28 33.50 1.60
N ALA A 114 0.85 32.40 2.22
CA ALA A 114 0.28 32.46 3.55
C ALA A 114 0.65 31.16 4.25
N PRO A 115 0.64 31.15 5.60
CA PRO A 115 1.12 29.99 6.36
C PRO A 115 0.35 28.70 6.08
N HIS A 116 -0.80 28.80 5.41
CA HIS A 116 -1.62 27.62 5.13
C HIS A 116 -1.73 27.28 3.63
N PHE A 117 -1.09 28.06 2.77
CA PHE A 117 -1.08 27.83 1.32
C PHE A 117 0.34 27.74 0.75
N SER A 118 0.52 26.86 -0.23
CA SER A 118 1.74 26.78 -1.01
C SER A 118 1.43 26.73 -2.52
N CYS A 119 2.27 27.35 -3.34
CA CYS A 119 2.12 27.37 -4.80
C CYS A 119 3.39 26.92 -5.49
N VAL A 120 3.27 25.96 -6.40
CA VAL A 120 4.43 25.41 -7.11
C VAL A 120 4.17 25.42 -8.62
N ILE A 121 5.17 25.85 -9.38
CA ILE A 121 5.09 25.84 -10.83
C ILE A 121 6.32 25.11 -11.29
N PHE A 122 6.08 24.07 -12.09
CA PHE A 122 7.14 23.18 -12.55
C PHE A 122 7.04 22.94 -14.05
N GLY A 123 8.17 22.98 -14.74
CA GLY A 123 8.22 22.62 -16.14
C GLY A 123 9.29 23.34 -16.95
N SER A 124 8.95 23.62 -18.20
CA SER A 124 9.84 24.20 -19.16
C SER A 124 10.07 25.68 -18.88
N SER A 125 10.90 26.30 -19.71
CA SER A 125 11.11 27.74 -19.64
C SER A 125 9.86 28.58 -20.02
N LYS A 126 8.86 27.99 -20.68
CA LYS A 126 7.58 28.68 -20.96
C LYS A 126 6.57 28.64 -19.78
N ARG A 127 6.93 28.05 -18.65
CA ARG A 127 6.00 27.94 -17.51
C ARG A 127 5.57 29.33 -16.97
N GLU A 128 4.38 29.40 -16.39
CA GLU A 128 3.79 30.66 -15.97
C GLU A 128 4.66 31.37 -14.95
N ARG A 129 4.65 32.69 -14.97
CA ARG A 129 5.31 33.46 -13.93
C ARG A 129 4.58 33.32 -12.58
N MET A 130 5.33 33.23 -11.50
CA MET A 130 4.76 33.04 -10.17
C MET A 130 3.79 34.17 -9.81
N SER A 131 4.19 35.41 -10.05
CA SER A 131 3.36 36.55 -9.69
C SER A 131 2.07 36.55 -10.50
N LYS A 132 2.10 35.95 -11.69
CA LYS A 132 0.86 35.82 -12.44
C LYS A 132 -0.07 34.82 -11.76
N MET A 133 0.48 33.68 -11.34
CA MET A 133 -0.31 32.74 -10.60
C MET A 133 -0.83 33.32 -9.27
N LEU A 134 0.02 34.06 -8.55
CA LEU A 134 -0.40 34.67 -7.27
C LEU A 134 -1.48 35.74 -7.43
N SER A 135 -1.50 36.43 -8.55
CA SER A 135 -2.58 37.36 -8.84
C SER A 135 -3.95 36.69 -8.81
N ARG A 136 -3.98 35.38 -9.02
CA ARG A 136 -5.24 34.65 -9.04
C ARG A 136 -5.76 34.31 -7.62
N LEU A 137 -4.97 34.59 -6.58
CA LEU A 137 -5.51 34.66 -5.22
C LEU A 137 -6.54 35.79 -5.10
N VAL A 138 -6.34 36.88 -5.83
CA VAL A 138 -7.28 38.02 -5.80
C VAL A 138 -8.37 37.85 -6.86
N ASN A 139 -7.95 37.56 -8.09
CA ASN A 139 -8.88 37.37 -9.21
C ASN A 139 -8.79 35.96 -9.81
N PRO A 140 -9.49 34.97 -9.20
CA PRO A 140 -9.37 33.57 -9.66
C PRO A 140 -9.96 33.33 -11.06
N ASP A 141 -9.43 32.30 -11.74
CA ASP A 141 -10.00 31.82 -12.98
C ASP A 141 -11.21 30.94 -12.63
N ARG A 142 -11.99 30.55 -13.64
CA ARG A 142 -13.18 29.71 -13.41
C ARG A 142 -13.26 28.48 -14.29
N PRO A 143 -12.33 27.52 -14.10
CA PRO A 143 -12.41 26.29 -14.86
C PRO A 143 -13.68 25.53 -14.52
N GLN A 144 -14.11 24.70 -15.47
CA GLN A 144 -15.28 23.85 -15.34
C GLN A 144 -14.86 22.41 -15.11
N LEU A 145 -15.42 21.83 -14.05
CA LEU A 145 -15.12 20.47 -13.67
C LEU A 145 -16.41 19.66 -13.48
N PRO A 146 -16.35 18.33 -13.71
CA PRO A 146 -17.50 17.47 -13.50
C PRO A 146 -17.82 17.32 -12.01
N PRO A 147 -19.08 16.95 -11.68
CA PRO A 147 -19.55 16.94 -10.28
C PRO A 147 -18.68 16.16 -9.31
N ARG A 148 -18.27 14.96 -9.68
CA ARG A 148 -17.58 14.13 -8.70
C ARG A 148 -16.19 14.68 -8.41
N PHE A 149 -15.57 15.29 -9.41
CA PHE A 149 -14.28 15.92 -9.26
C PHE A 149 -14.40 17.06 -8.22
N GLU A 150 -15.47 17.86 -8.36
CA GLU A 150 -15.78 18.93 -7.40
C GLU A 150 -16.10 18.40 -6.02
N LYS A 151 -16.81 17.28 -5.94
CA LYS A 151 -17.11 16.67 -4.65
C LYS A 151 -15.81 16.27 -3.96
N GLU A 152 -14.93 15.57 -4.69
CA GLU A 152 -13.64 15.16 -4.10
C GLU A 152 -12.85 16.35 -3.52
N CYS A 153 -12.75 17.45 -4.30
CA CYS A 153 -11.99 18.64 -3.89
C CYS A 153 -12.47 19.28 -2.59
N THR A 154 -13.74 19.10 -2.24
CA THR A 154 -14.30 19.69 -1.01
C THR A 154 -14.33 18.69 0.14
N SER A 155 -13.88 17.47 -0.10
CA SER A 155 -14.11 16.43 0.89
C SER A 155 -12.84 15.82 1.51
N GLU A 156 -11.83 16.63 1.75
CA GLU A 156 -10.63 16.14 2.43
C GLU A 156 -10.94 15.84 3.90
N GLY A 157 -10.38 14.76 4.41
CA GLY A 157 -10.69 14.29 5.75
C GLY A 157 -11.64 13.11 5.70
N THR A 158 -12.57 13.14 4.75
CA THR A 158 -13.61 12.12 4.63
C THR A 158 -13.44 11.20 3.41
N SER A 159 -12.56 11.59 2.48
CA SER A 159 -12.29 10.77 1.29
C SER A 159 -10.81 10.86 0.93
N GLN A 160 -10.25 9.75 0.45
CA GLN A 160 -8.83 9.70 0.11
C GLN A 160 -8.68 9.37 -1.37
N THR A 161 -9.78 9.56 -2.09
CA THR A 161 -9.86 9.32 -3.52
C THR A 161 -9.07 10.37 -4.32
N VAL A 162 -8.23 9.90 -5.24
CA VAL A 162 -7.49 10.74 -6.18
C VAL A 162 -8.37 10.99 -7.42
N ALA A 163 -8.42 12.24 -7.86
CA ALA A 163 -9.26 12.60 -9.00
C ALA A 163 -8.45 13.23 -10.12
N LEU A 164 -8.78 12.83 -11.35
CA LEU A 164 -8.22 13.43 -12.55
C LEU A 164 -9.32 13.73 -13.53
N TYR A 165 -9.16 14.83 -14.25
CA TYR A 165 -10.07 15.19 -15.31
C TYR A 165 -9.21 15.50 -16.53
N ILE A 166 -9.32 14.67 -17.56
CA ILE A 166 -8.46 14.76 -18.72
C ILE A 166 -9.29 15.17 -19.95
N LYS A 167 -8.88 16.26 -20.62
CA LYS A 167 -9.58 16.73 -21.80
C LYS A 167 -9.46 15.78 -23.00
N ASN A 168 -8.26 15.26 -23.25
CA ASN A 168 -7.98 14.34 -24.36
C ASN A 168 -7.82 12.97 -23.75
N GLY A 169 -8.96 12.32 -23.48
CA GLY A 169 -8.99 11.02 -22.84
C GLY A 169 -8.38 9.91 -23.69
N GLY A 170 -8.50 10.03 -25.01
CA GLY A 170 -7.89 9.07 -25.93
C GLY A 170 -6.46 8.71 -25.57
N HIS A 171 -5.58 9.72 -25.60
CA HIS A 171 -4.15 9.54 -25.37
C HIS A 171 -3.85 8.95 -24.00
N PHE A 172 -4.62 9.36 -23.00
CA PHE A 172 -4.33 9.01 -21.62
C PHE A 172 -4.75 7.58 -21.30
N ILE A 173 -5.92 7.20 -21.82
CA ILE A 173 -6.50 5.91 -21.54
C ILE A 173 -5.60 4.78 -22.06
N THR A 174 -4.94 5.00 -23.20
CA THR A 174 -4.07 3.99 -23.78
C THR A 174 -2.81 3.80 -22.92
N LYS A 175 -2.26 4.90 -22.40
CA LYS A 175 -1.14 4.85 -21.44
C LYS A 175 -1.57 4.09 -20.19
N LEU A 176 -2.76 4.44 -19.69
CA LEU A 176 -3.29 3.86 -18.47
C LEU A 176 -3.55 2.36 -18.58
N LEU A 177 -4.13 1.94 -19.70
CA LEU A 177 -4.46 0.52 -19.87
C LEU A 177 -3.33 -0.25 -20.56
N ASN A 178 -2.27 0.47 -20.92
CA ASN A 178 -1.11 -0.08 -21.63
C ASN A 178 -1.51 -0.76 -22.95
N PHE A 179 -2.41 -0.12 -23.68
CA PHE A 179 -2.79 -0.54 -25.02
C PHE A 179 -1.95 0.23 -26.04
N PRO A 180 -2.08 -0.12 -27.34
CA PRO A 180 -1.48 0.75 -28.34
C PRO A 180 -2.38 1.97 -28.56
N GLN A 181 -1.77 3.09 -28.91
CA GLN A 181 -2.53 4.32 -29.15
C GLN A 181 -3.23 4.26 -30.50
N LEU A 182 -4.45 3.74 -30.50
CA LEU A 182 -5.26 3.64 -31.73
C LEU A 182 -5.56 5.01 -32.33
N ASN A 183 -5.63 6.02 -31.46
CA ASN A 183 -5.64 7.44 -31.84
C ASN A 183 -6.71 7.84 -32.86
N LEU A 184 -7.97 7.50 -32.56
CA LEU A 184 -9.13 8.06 -33.26
C LEU A 184 -9.82 9.03 -32.28
N PRO A 185 -9.11 10.09 -31.85
CA PRO A 185 -9.36 10.88 -30.63
C PRO A 185 -10.81 10.95 -30.13
N LEU A 186 -10.94 10.71 -28.82
CA LEU A 186 -12.22 10.65 -28.17
C LEU A 186 -12.36 11.87 -27.26
N GLY A 187 -13.46 11.96 -26.52
CA GLY A 187 -13.71 13.14 -25.70
C GLY A 187 -12.98 13.14 -24.35
N ALA A 188 -13.65 13.69 -23.36
CA ALA A 188 -13.09 13.89 -22.04
C ALA A 188 -13.19 12.61 -21.21
N MET A 189 -12.23 12.43 -20.31
CA MET A 189 -12.20 11.31 -19.39
C MET A 189 -12.18 11.81 -17.94
N GLU A 190 -13.06 11.25 -17.12
CA GLU A 190 -13.00 11.38 -15.66
C GLU A 190 -12.38 10.11 -15.11
N LEU A 191 -11.55 10.24 -14.07
CA LEU A 191 -10.87 9.08 -13.47
C LEU A 191 -10.74 9.23 -11.96
N TYR A 192 -11.26 8.27 -11.21
CA TYR A 192 -11.18 8.34 -9.74
C TYR A 192 -10.49 7.09 -9.22
N LEU A 193 -9.49 7.31 -8.36
CA LEU A 193 -8.65 6.21 -7.88
C LEU A 193 -8.51 6.19 -6.35
N THR A 194 -8.48 4.98 -5.80
CA THR A 194 -8.29 4.82 -4.38
C THR A 194 -7.21 3.75 -4.12
N ALA A 195 -6.39 4.00 -3.11
CA ALA A 195 -5.25 3.12 -2.78
C ALA A 195 -5.68 1.80 -2.10
N ARG A 196 -5.21 0.67 -2.65
CA ARG A 196 -5.34 -0.66 -2.03
C ARG A 196 -3.96 -1.27 -2.02
N ARG A 197 -3.30 -1.26 -0.86
CA ARG A 197 -1.92 -1.74 -0.73
C ARG A 197 -0.96 -0.94 -1.62
N ASN A 198 -0.33 -1.62 -2.56
CA ASN A 198 0.64 -1.01 -3.48
C ASN A 198 0.05 -0.82 -4.88
N GLU A 199 -1.27 -0.90 -5.00
CA GLU A 199 -1.96 -0.62 -6.25
C GLU A 199 -3.12 0.35 -6.05
N TYR A 200 -3.74 0.74 -7.16
CA TYR A 200 -4.90 1.61 -7.11
C TYR A 200 -6.10 0.98 -7.79
N LEU A 201 -7.26 1.12 -7.14
CA LEU A 201 -8.56 0.76 -7.69
C LEU A 201 -9.09 2.03 -8.34
N TYR A 202 -9.73 1.90 -9.50
CA TYR A 202 -10.23 3.09 -10.19
C TYR A 202 -11.55 2.84 -10.87
N THR A 203 -12.30 3.92 -11.06
CA THR A 203 -13.42 3.91 -11.98
C THR A 203 -13.21 5.11 -12.90
N LEU A 204 -13.68 5.01 -14.14
CA LEU A 204 -13.55 6.05 -15.12
C LEU A 204 -14.77 6.07 -16.04
N SER A 205 -15.03 7.23 -16.62
CA SER A 205 -15.89 7.31 -17.79
C SER A 205 -15.19 8.13 -18.87
N LEU A 206 -15.40 7.71 -20.11
CA LEU A 206 -14.71 8.28 -21.25
C LEU A 206 -15.76 8.60 -22.32
N GLN A 207 -15.85 9.87 -22.71
CA GLN A 207 -16.73 10.27 -23.79
C GLN A 207 -16.23 9.62 -25.07
N LEU A 208 -17.14 9.02 -25.83
CA LEU A 208 -16.77 8.30 -27.06
C LEU A 208 -16.96 9.13 -28.34
N GLY A 209 -18.02 9.94 -28.38
CA GLY A 209 -18.46 10.58 -29.62
C GLY A 209 -19.14 9.59 -30.58
N ASN A 210 -19.09 9.89 -31.87
CA ASN A 210 -19.61 8.99 -32.92
C ASN A 210 -18.86 7.65 -33.03
N ALA A 211 -17.78 7.51 -32.26
CA ALA A 211 -17.01 6.27 -32.18
C ALA A 211 -17.82 5.16 -31.53
N LYS A 212 -17.61 3.93 -32.01
CA LYS A 212 -18.41 2.78 -31.60
C LYS A 212 -17.59 1.67 -30.96
N ILE A 213 -18.19 1.02 -29.97
CA ILE A 213 -17.58 -0.14 -29.33
C ILE A 213 -18.58 -1.29 -29.25
N ASN A 214 -18.37 -2.29 -30.10
CA ASN A 214 -19.23 -3.48 -30.15
C ASN A 214 -19.13 -4.33 -28.88
N PHE A 215 -20.07 -5.25 -28.71
CA PHE A 215 -20.11 -6.08 -27.51
C PHE A 215 -18.91 -7.02 -27.35
N PRO A 216 -18.47 -7.70 -28.44
CA PRO A 216 -17.25 -8.52 -28.34
C PRO A 216 -16.03 -7.83 -27.69
N ILE A 217 -15.70 -6.63 -28.14
CA ILE A 217 -14.56 -5.87 -27.58
C ILE A 217 -14.81 -5.50 -26.10
N GLN A 218 -16.05 -5.12 -25.82
CA GLN A 218 -16.51 -4.83 -24.46
C GLN A 218 -16.23 -5.98 -23.48
N PHE A 219 -16.64 -7.20 -23.85
CA PHE A 219 -16.43 -8.36 -22.99
C PHE A 219 -14.94 -8.68 -22.84
N LEU A 220 -14.20 -8.58 -23.93
CA LEU A 220 -12.77 -8.85 -23.91
C LEU A 220 -12.01 -7.90 -22.99
N ILE A 221 -12.27 -6.60 -23.15
CA ILE A 221 -11.64 -5.58 -22.32
C ILE A 221 -11.91 -5.87 -20.83
N SER A 222 -13.16 -6.15 -20.50
CA SER A 222 -13.53 -6.46 -19.12
C SER A 222 -12.72 -7.63 -18.55
N ARG A 223 -12.40 -8.62 -19.39
CA ARG A 223 -11.53 -9.71 -18.96
C ARG A 223 -10.06 -9.35 -18.89
N VAL A 224 -9.61 -8.53 -19.84
CA VAL A 224 -8.24 -8.03 -19.83
C VAL A 224 -7.97 -7.25 -18.54
N LEU A 225 -8.87 -6.31 -18.24
CA LEU A 225 -8.74 -5.44 -17.07
C LEU A 225 -9.22 -6.06 -15.76
N ASN A 226 -9.95 -7.16 -15.86
CA ASN A 226 -10.65 -7.77 -14.73
C ASN A 226 -11.51 -6.74 -13.98
N ALA A 227 -12.47 -6.18 -14.71
CA ALA A 227 -13.30 -5.09 -14.21
C ALA A 227 -14.66 -5.08 -14.90
N HIS A 228 -15.63 -4.49 -14.22
CA HIS A 228 -16.97 -4.34 -14.76
C HIS A 228 -17.01 -3.13 -15.68
N ILE A 229 -17.53 -3.34 -16.89
CA ILE A 229 -17.59 -2.28 -17.87
C ILE A 229 -18.94 -2.23 -18.59
N HIS A 230 -19.34 -1.03 -19.02
CA HIS A 230 -20.56 -0.85 -19.81
C HIS A 230 -20.56 0.51 -20.52
N VAL A 231 -21.58 0.74 -21.34
CA VAL A 231 -21.68 1.96 -22.14
C VAL A 231 -22.98 2.68 -21.83
N GLU A 232 -22.93 3.68 -20.94
CA GLU A 232 -24.09 4.53 -20.65
C GLU A 232 -24.17 5.70 -21.65
N GLY A 233 -24.88 5.47 -22.76
CA GLY A 233 -25.03 6.49 -23.79
C GLY A 233 -23.84 6.49 -24.74
N ASP A 234 -23.08 7.58 -24.75
CA ASP A 234 -21.82 7.67 -25.48
C ASP A 234 -20.64 7.82 -24.49
N ARG A 235 -20.84 7.27 -23.30
CA ARG A 235 -19.83 7.22 -22.25
C ARG A 235 -19.47 5.76 -21.96
N LEU A 236 -18.18 5.45 -22.06
CA LEU A 236 -17.69 4.13 -21.68
C LEU A 236 -17.31 4.17 -20.21
N ILE A 237 -17.79 3.20 -19.44
CA ILE A 237 -17.56 3.13 -18.00
C ILE A 237 -16.84 1.85 -17.61
N ILE A 238 -15.77 2.02 -16.84
CA ILE A 238 -14.99 0.94 -16.30
C ILE A 238 -14.99 1.11 -14.80
N GLU A 239 -15.34 0.06 -14.07
CA GLU A 239 -15.38 0.07 -12.61
C GLU A 239 -14.57 -1.09 -12.05
N ASP A 240 -13.78 -0.80 -11.02
CA ASP A 240 -12.93 -1.78 -10.35
C ASP A 240 -11.80 -2.29 -11.25
N GLY A 241 -11.27 -1.40 -12.07
CA GLY A 241 -10.00 -1.67 -12.75
C GLY A 241 -8.89 -1.52 -11.72
N THR A 242 -7.71 -2.03 -12.00
CA THR A 242 -6.59 -1.83 -11.11
C THR A 242 -5.32 -1.55 -11.89
N ILE A 243 -4.45 -0.76 -11.26
CA ILE A 243 -3.16 -0.38 -11.79
C ILE A 243 -2.19 -0.28 -10.60
N SER A 244 -0.93 -0.63 -10.81
CA SER A 244 0.08 -0.46 -9.77
C SER A 244 0.40 1.02 -9.56
N ALA A 245 0.70 1.39 -8.31
CA ALA A 245 1.10 2.75 -7.98
C ALA A 245 2.27 3.19 -8.84
N GLU A 246 3.25 2.31 -9.00
CA GLU A 246 4.42 2.51 -9.85
C GLU A 246 4.00 2.97 -11.24
N ARG A 247 3.06 2.25 -11.85
CA ARG A 247 2.61 2.55 -13.19
C ARG A 247 1.80 3.84 -13.26
N LEU A 248 0.90 4.00 -12.30
CA LEU A 248 0.10 5.22 -12.23
C LEU A 248 0.99 6.47 -12.09
N ALA A 249 2.03 6.36 -11.27
CA ALA A 249 3.00 7.45 -11.08
C ALA A 249 3.74 7.76 -12.36
N SER A 250 4.13 6.71 -13.08
CA SER A 250 4.76 6.86 -14.39
C SER A 250 3.82 7.50 -15.43
N VAL A 251 2.56 7.04 -15.51
CA VAL A 251 1.59 7.59 -16.46
C VAL A 251 1.34 9.09 -16.19
N ILE A 252 1.23 9.48 -14.93
CA ILE A 252 1.01 10.89 -14.59
C ILE A 252 2.21 11.72 -14.95
N SER A 253 3.38 11.28 -14.51
CA SER A 253 4.57 12.08 -14.60
C SER A 253 5.06 12.19 -16.04
N SER A 254 4.68 11.21 -16.86
CA SER A 254 4.99 11.25 -18.30
C SER A 254 4.17 12.29 -19.13
N LEU A 255 3.27 13.03 -18.49
CA LEU A 255 2.62 14.15 -19.18
C LEU A 255 3.69 15.16 -19.61
N TYR A 256 4.69 15.33 -18.75
CA TYR A 256 5.80 16.24 -18.97
C TYR A 256 7.02 15.54 -19.59
N SER A 257 7.63 16.20 -20.57
CA SER A 257 8.80 15.67 -21.32
C SER A 257 8.49 14.35 -22.04
N LYS B 6 0.24 4.55 19.23
CA LYS B 6 -0.11 5.65 18.28
C LYS B 6 0.65 5.48 16.96
N ALA B 7 1.82 6.11 16.87
CA ALA B 7 2.67 6.04 15.69
C ALA B 7 3.77 5.02 15.88
N SER B 8 4.31 4.96 17.10
CA SER B 8 5.32 3.95 17.44
C SER B 8 4.62 2.72 18.01
N VAL B 9 4.19 1.84 17.11
CA VAL B 9 3.65 0.55 17.51
C VAL B 9 4.56 -0.53 16.95
N ASP B 10 5.04 -1.41 17.83
CA ASP B 10 5.80 -2.58 17.38
C ASP B 10 4.87 -3.80 17.28
N PRO B 11 4.56 -4.23 16.03
CA PRO B 11 3.62 -5.31 15.83
C PRO B 11 3.94 -6.58 16.60
N LEU B 12 5.22 -6.90 16.78
CA LEU B 12 5.58 -8.10 17.52
C LEU B 12 5.30 -7.96 19.05
N GLY B 13 5.34 -6.73 19.54
CA GLY B 13 4.98 -6.43 20.93
C GLY B 13 3.49 -6.64 21.18
N VAL B 14 2.69 -6.52 20.11
CA VAL B 14 1.25 -6.60 20.19
C VAL B 14 0.75 -8.06 20.13
N VAL B 15 1.34 -8.88 19.27
CA VAL B 15 0.94 -10.31 19.20
C VAL B 15 1.31 -11.02 20.49
N GLY B 16 2.43 -10.60 21.09
CA GLY B 16 2.79 -11.01 22.46
C GLY B 16 3.99 -11.94 22.56
N SER B 17 4.59 -12.02 23.75
CA SER B 17 5.70 -12.94 23.95
C SER B 17 5.21 -14.32 24.40
N GLY B 18 6.13 -15.29 24.42
CA GLY B 18 5.85 -16.63 24.88
C GLY B 18 5.28 -17.57 23.84
N ALA B 19 5.21 -17.14 22.57
CA ALA B 19 4.59 -17.97 21.54
C ALA B 19 5.49 -19.13 21.17
N ASP B 20 4.89 -20.15 20.58
CA ASP B 20 5.62 -21.33 20.06
C ASP B 20 6.09 -21.12 18.62
N VAL B 21 5.37 -20.29 17.85
CA VAL B 21 5.73 -19.98 16.46
C VAL B 21 5.47 -18.50 16.22
N TYR B 22 6.44 -17.80 15.66
CA TYR B 22 6.26 -16.42 15.18
C TYR B 22 6.28 -16.43 13.69
N LEU B 23 5.45 -15.58 13.10
CA LEU B 23 5.23 -15.54 11.67
C LEU B 23 5.29 -14.10 11.15
N TYR B 24 6.01 -13.91 10.05
CA TYR B 24 5.93 -12.67 9.31
C TYR B 24 5.62 -12.95 7.85
N PHE B 25 4.65 -12.23 7.32
CA PHE B 25 4.04 -12.58 6.07
C PHE B 25 3.71 -11.29 5.31
N PRO B 26 4.60 -10.86 4.41
CA PRO B 26 4.26 -9.73 3.55
C PRO B 26 3.27 -10.19 2.47
N VAL B 27 2.24 -9.39 2.22
CA VAL B 27 1.24 -9.76 1.20
C VAL B 27 1.78 -9.63 -0.22
N ALA B 28 2.34 -8.46 -0.58
CA ALA B 28 2.89 -8.29 -1.93
C ALA B 28 3.84 -9.43 -2.28
N GLY B 29 3.57 -10.07 -3.41
CA GLY B 29 4.40 -11.19 -3.88
C GLY B 29 3.98 -12.55 -3.34
N ASN B 30 3.08 -12.57 -2.36
CA ASN B 30 2.59 -13.83 -1.81
C ASN B 30 1.09 -13.96 -1.90
N GLU B 31 0.46 -13.15 -2.76
CA GLU B 31 -0.99 -13.14 -2.94
C GLU B 31 -1.53 -14.54 -3.26
N ASN B 32 -0.83 -15.23 -4.16
CA ASN B 32 -1.23 -16.56 -4.57
C ASN B 32 -1.21 -17.55 -3.41
N LEU B 33 -0.13 -17.54 -2.63
CA LEU B 33 -0.02 -18.40 -1.45
C LEU B 33 -1.17 -18.12 -0.49
N ILE B 34 -1.46 -16.84 -0.28
CA ILE B 34 -2.55 -16.42 0.60
C ILE B 34 -3.88 -17.00 0.13
N SER B 35 -4.24 -16.74 -1.13
CA SER B 35 -5.47 -17.24 -1.74
C SER B 35 -5.63 -18.76 -1.66
N ARG B 36 -4.51 -19.48 -1.76
CA ARG B 36 -4.51 -20.94 -1.65
C ARG B 36 -4.88 -21.41 -0.24
N ILE B 37 -4.46 -20.63 0.76
CA ILE B 37 -4.67 -20.97 2.16
C ILE B 37 -6.13 -20.75 2.57
N ILE B 38 -6.71 -19.64 2.12
CA ILE B 38 -8.08 -19.28 2.51
C ILE B 38 -9.14 -20.12 1.80
N GLU B 39 -8.76 -20.86 0.76
CA GLU B 39 -9.72 -21.59 -0.07
C GLU B 39 -10.55 -22.63 0.71
N ASN B 40 -10.06 -23.01 1.90
CA ASN B 40 -10.79 -23.91 2.78
C ASN B 40 -11.98 -23.27 3.52
N HIS B 41 -11.81 -22.05 4.00
CA HIS B 41 -12.80 -21.40 4.89
C HIS B 41 -14.07 -20.94 4.20
N GLU B 42 -15.13 -20.79 5.00
CA GLU B 42 -16.41 -20.23 4.56
C GLU B 42 -16.28 -18.73 4.28
N SER B 43 -15.62 -18.01 5.19
CA SER B 43 -15.44 -16.55 5.09
C SER B 43 -14.45 -16.13 4.00
N LYS B 44 -14.21 -17.00 3.01
CA LYS B 44 -13.16 -16.77 2.02
C LYS B 44 -13.40 -15.55 1.10
N ALA B 45 -14.66 -15.18 0.91
CA ALA B 45 -15.00 -13.95 0.20
C ALA B 45 -14.68 -12.73 1.06
N ASP B 46 -15.08 -12.77 2.34
CA ASP B 46 -14.87 -11.68 3.30
C ASP B 46 -13.39 -11.47 3.69
N ILE B 47 -12.65 -12.57 3.83
CA ILE B 47 -11.24 -12.52 4.19
C ILE B 47 -10.39 -11.94 3.05
N LYS B 48 -10.61 -12.39 1.83
CA LYS B 48 -9.88 -11.89 0.66
C LYS B 48 -10.10 -10.39 0.46
N LYS B 49 -11.15 -9.84 1.09
CA LYS B 49 -11.36 -8.40 1.11
C LYS B 49 -10.42 -7.71 2.11
N ILE B 50 -10.43 -8.15 3.37
CA ILE B 50 -9.54 -7.59 4.39
C ILE B 50 -8.07 -7.74 3.97
N VAL B 51 -7.77 -8.85 3.31
CA VAL B 51 -6.45 -9.18 2.86
C VAL B 51 -6.00 -8.26 1.73
N ASP B 52 -6.93 -7.92 0.83
CA ASP B 52 -6.68 -6.95 -0.24
C ASP B 52 -6.33 -5.57 0.31
N ARG B 53 -6.67 -5.32 1.56
CA ARG B 53 -6.37 -4.06 2.21
C ARG B 53 -5.22 -4.12 3.20
N THR B 54 -4.55 -5.28 3.25
CA THR B 54 -3.46 -5.55 4.18
C THR B 54 -2.08 -5.62 3.48
N THR B 55 -1.10 -4.97 4.08
CA THR B 55 0.26 -4.89 3.53
C THR B 55 1.16 -6.00 4.12
N ALA B 56 1.02 -6.23 5.42
CA ALA B 56 1.84 -7.22 6.09
C ALA B 56 1.06 -7.83 7.24
N VAL B 57 1.29 -9.12 7.48
CA VAL B 57 0.70 -9.83 8.59
C VAL B 57 1.79 -10.37 9.51
N TYR B 58 1.67 -10.04 10.80
CA TYR B 58 2.51 -10.53 11.90
C TYR B 58 1.66 -11.48 12.76
N GLY B 59 2.18 -12.66 13.07
CA GLY B 59 1.41 -13.68 13.75
C GLY B 59 2.20 -14.45 14.79
N ALA B 60 1.50 -14.88 15.84
CA ALA B 60 2.11 -15.70 16.89
C ALA B 60 1.15 -16.85 17.21
N PHE B 61 1.68 -18.05 17.30
CA PHE B 61 0.84 -19.18 17.69
C PHE B 61 1.20 -19.72 19.05
N PHE B 62 0.20 -19.93 19.91
CA PHE B 62 0.41 -20.44 21.27
C PHE B 62 -0.28 -21.78 21.45
N ALA B 63 0.51 -22.83 21.59
CA ALA B 63 -0.04 -24.19 21.66
C ALA B 63 -0.90 -24.46 22.91
N ARG B 64 -0.48 -23.93 24.06
CA ARG B 64 -1.16 -24.23 25.33
C ARG B 64 -2.60 -23.72 25.39
N SER B 65 -2.84 -22.56 24.82
CA SER B 65 -4.19 -21.98 24.78
C SER B 65 -4.86 -22.19 23.41
N LYS B 66 -4.18 -22.93 22.53
CA LYS B 66 -4.63 -23.24 21.16
C LYS B 66 -5.20 -22.02 20.45
N GLU B 67 -4.34 -21.05 20.15
CA GLU B 67 -4.78 -19.80 19.55
C GLU B 67 -3.72 -19.24 18.61
N PHE B 68 -4.16 -18.41 17.67
CA PHE B 68 -3.31 -17.60 16.80
C PHE B 68 -3.71 -16.18 17.04
N ARG B 69 -2.73 -15.30 17.13
CA ARG B 69 -2.95 -13.87 17.20
C ARG B 69 -2.27 -13.20 16.01
N LEU B 70 -3.04 -12.43 15.24
CA LEU B 70 -2.54 -11.74 14.07
C LEU B 70 -2.65 -10.21 14.22
N PHE B 71 -1.64 -9.53 13.74
CA PHE B 71 -1.64 -8.12 13.64
C PHE B 71 -1.36 -7.77 12.17
N GLY B 72 -2.24 -6.97 11.58
CA GLY B 72 -2.07 -6.57 10.18
C GLY B 72 -1.82 -5.08 10.05
N SER B 73 -0.84 -4.71 9.23
CA SER B 73 -0.69 -3.31 8.79
C SER B 73 -1.42 -3.19 7.48
N GLY B 74 -2.26 -2.17 7.34
CA GLY B 74 -2.94 -1.92 6.08
C GLY B 74 -3.70 -0.62 6.07
N SER B 75 -4.83 -0.62 5.38
CA SER B 75 -5.74 0.51 5.41
C SER B 75 -7.17 0.05 5.62
N TYR B 76 -7.74 0.37 6.77
CA TYR B 76 -9.05 -0.15 7.14
C TYR B 76 -10.05 0.94 7.60
N PRO B 77 -10.58 1.75 6.66
CA PRO B 77 -11.59 2.76 7.06
C PRO B 77 -12.90 2.12 7.51
N TYR B 78 -13.66 2.87 8.31
CA TYR B 78 -14.94 2.38 8.82
C TYR B 78 -15.86 1.95 7.68
N ALA B 79 -15.88 2.74 6.60
CA ALA B 79 -16.69 2.44 5.42
C ALA B 79 -16.38 1.06 4.83
N PHE B 80 -15.11 0.65 4.88
CA PHE B 80 -14.72 -0.69 4.39
C PHE B 80 -15.08 -1.81 5.37
N THR B 81 -14.80 -1.61 6.65
CA THR B 81 -15.10 -2.62 7.66
C THR B 81 -16.62 -2.83 7.81
N ASN B 82 -17.37 -1.73 7.69
CA ASN B 82 -18.83 -1.75 7.78
C ASN B 82 -19.53 -2.76 6.86
N LEU B 83 -19.02 -2.88 5.63
CA LEU B 83 -19.57 -3.80 4.63
C LEU B 83 -19.39 -5.28 5.00
N ILE B 84 -18.16 -5.65 5.34
CA ILE B 84 -17.78 -7.05 5.64
C ILE B 84 -18.46 -7.64 6.88
N PHE B 85 -18.73 -6.81 7.88
CA PHE B 85 -19.25 -7.30 9.16
C PHE B 85 -20.79 -7.42 9.21
N SER B 86 -21.27 -8.58 9.66
CA SER B 86 -22.70 -8.90 9.69
C SER B 86 -23.04 -10.06 10.65
N ARG B 87 -24.28 -10.10 11.14
CA ARG B 87 -24.76 -11.19 12.01
C ARG B 87 -25.08 -12.46 11.22
N SER B 88 -25.35 -12.31 9.92
CA SER B 88 -25.58 -13.43 9.01
C SER B 88 -24.37 -14.35 8.92
N ASP B 89 -23.19 -13.78 9.17
CA ASP B 89 -21.92 -14.51 9.13
C ASP B 89 -21.46 -14.97 10.52
N GLY B 90 -22.40 -14.94 11.48
CA GLY B 90 -22.16 -15.47 12.84
C GLY B 90 -21.70 -14.47 13.89
N TRP B 91 -21.39 -13.25 13.45
CA TRP B 91 -20.77 -12.25 14.31
C TRP B 91 -21.73 -11.51 15.24
N ALA B 92 -21.15 -10.87 16.25
CA ALA B 92 -21.83 -9.89 17.10
C ALA B 92 -20.95 -8.64 17.15
N SER B 93 -21.48 -7.57 17.73
CA SER B 93 -20.71 -6.36 18.03
C SER B 93 -21.41 -5.44 19.03
N THR B 96 -17.35 0.50 15.63
CA THR B 96 -18.37 0.27 16.67
C THR B 96 -18.45 1.31 17.81
N GLU B 97 -17.33 1.64 18.44
CA GLU B 97 -17.32 2.39 19.72
C GLU B 97 -15.98 3.09 20.06
N HIS B 98 -16.03 4.42 20.17
CA HIS B 98 -14.84 5.27 20.46
C HIS B 98 -13.72 5.08 19.41
N GLY B 99 -14.10 4.95 18.15
CA GLY B 99 -13.15 4.82 17.05
C GLY B 99 -12.68 3.41 16.80
N ILE B 100 -13.08 2.48 17.67
CA ILE B 100 -12.68 1.09 17.54
C ILE B 100 -13.84 0.22 17.05
N THR B 101 -13.61 -0.45 15.93
CA THR B 101 -14.52 -1.49 15.46
C THR B 101 -14.11 -2.83 16.10
N TYR B 102 -15.07 -3.48 16.77
CA TYR B 102 -14.88 -4.66 17.59
C TYR B 102 -15.86 -5.75 17.12
N TYR B 103 -15.35 -6.92 16.74
CA TYR B 103 -16.20 -8.02 16.26
C TYR B 103 -15.90 -9.41 16.81
N GLU B 104 -16.95 -10.16 17.09
CA GLU B 104 -16.83 -11.43 17.80
C GLU B 104 -17.69 -12.51 17.20
N SER B 105 -17.12 -13.71 17.13
CA SER B 105 -17.83 -14.91 16.70
C SER B 105 -17.44 -16.06 17.64
N GLU B 106 -17.85 -17.28 17.28
CA GLU B 106 -17.56 -18.44 18.12
C GLU B 106 -16.05 -18.67 18.35
N HIS B 107 -15.26 -18.58 17.27
CA HIS B 107 -13.85 -18.91 17.34
C HIS B 107 -12.91 -17.77 16.93
N THR B 108 -13.48 -16.63 16.55
CA THR B 108 -12.70 -15.56 15.95
C THR B 108 -13.07 -14.19 16.54
N ASP B 109 -12.05 -13.43 16.94
CA ASP B 109 -12.25 -12.05 17.36
C ASP B 109 -11.48 -11.14 16.41
N VAL B 110 -12.11 -10.03 16.03
CA VAL B 110 -11.48 -9.04 15.16
C VAL B 110 -11.75 -7.62 15.67
N SER B 111 -10.75 -6.76 15.55
CA SER B 111 -10.91 -5.36 15.88
C SER B 111 -10.05 -4.53 14.96
N ILE B 112 -10.47 -3.28 14.74
CA ILE B 112 -9.71 -2.29 13.99
C ILE B 112 -9.44 -1.12 14.94
N PRO B 113 -8.34 -1.17 15.69
CA PRO B 113 -8.16 -0.11 16.69
C PRO B 113 -7.73 1.22 16.07
N ALA B 114 -7.31 1.19 14.81
CA ALA B 114 -6.95 2.41 14.10
C ALA B 114 -6.98 2.16 12.59
N PRO B 115 -7.04 3.25 11.80
CA PRO B 115 -7.14 3.20 10.34
C PRO B 115 -6.03 2.41 9.62
N HIS B 116 -4.89 2.20 10.27
CA HIS B 116 -3.82 1.42 9.69
C HIS B 116 -3.52 0.05 10.34
N PHE B 117 -4.23 -0.33 11.41
CA PHE B 117 -3.99 -1.62 12.11
C PHE B 117 -5.24 -2.48 12.27
N SER B 118 -5.07 -3.79 12.14
CA SER B 118 -6.12 -4.76 12.42
C SER B 118 -5.56 -5.81 13.38
N CYS B 119 -6.40 -6.35 14.25
CA CYS B 119 -5.96 -7.39 15.20
C CYS B 119 -6.93 -8.55 15.16
N VAL B 120 -6.39 -9.76 15.15
CA VAL B 120 -7.21 -10.97 15.01
C VAL B 120 -6.73 -12.00 16.01
N ILE B 121 -7.68 -12.56 16.77
CA ILE B 121 -7.43 -13.67 17.66
C ILE B 121 -8.38 -14.80 17.27
N PHE B 122 -7.81 -15.98 17.04
CA PHE B 122 -8.56 -17.14 16.58
C PHE B 122 -8.16 -18.37 17.40
N GLY B 123 -9.07 -19.31 17.62
CA GLY B 123 -8.71 -20.51 18.40
C GLY B 123 -9.77 -20.98 19.39
N SER B 124 -9.33 -21.69 20.42
CA SER B 124 -10.22 -22.29 21.42
C SER B 124 -10.84 -21.22 22.32
N SER B 125 -11.65 -21.65 23.27
CA SER B 125 -12.30 -20.72 24.19
C SER B 125 -11.32 -20.10 25.21
N LYS B 126 -10.08 -20.58 25.23
CA LYS B 126 -9.07 -20.05 26.13
C LYS B 126 -8.19 -18.99 25.48
N ARG B 127 -8.52 -18.63 24.25
CA ARG B 127 -7.71 -17.64 23.51
C ARG B 127 -7.78 -16.29 24.25
N GLU B 128 -6.72 -15.50 24.14
CA GLU B 128 -6.66 -14.21 24.80
C GLU B 128 -7.86 -13.29 24.52
N ARG B 129 -8.29 -12.57 25.54
CA ARG B 129 -9.28 -11.49 25.34
C ARG B 129 -8.70 -10.38 24.45
N MET B 130 -9.55 -9.82 23.61
CA MET B 130 -9.13 -8.81 22.66
C MET B 130 -8.67 -7.54 23.37
N SER B 131 -9.31 -7.19 24.48
CA SER B 131 -8.91 -5.96 25.17
C SER B 131 -7.51 -6.14 25.77
N LYS B 132 -7.15 -7.37 26.10
CA LYS B 132 -5.81 -7.67 26.60
C LYS B 132 -4.75 -7.51 25.49
N MET B 133 -5.03 -8.04 24.29
CA MET B 133 -4.15 -7.81 23.14
C MET B 133 -4.06 -6.31 22.80
N LEU B 134 -5.17 -5.60 22.88
CA LEU B 134 -5.16 -4.16 22.54
C LEU B 134 -4.37 -3.30 23.55
N SER B 135 -4.32 -3.73 24.81
CA SER B 135 -3.53 -3.04 25.82
C SER B 135 -2.04 -3.03 25.48
N ARG B 136 -1.61 -3.93 24.60
CA ARG B 136 -0.20 -4.04 24.27
C ARG B 136 0.17 -3.05 23.17
N LEU B 137 -0.83 -2.36 22.63
CA LEU B 137 -0.60 -1.12 21.89
C LEU B 137 0.00 0.01 22.75
N VAL B 138 -0.33 0.04 24.05
CA VAL B 138 0.18 1.04 25.01
C VAL B 138 1.42 0.50 25.75
N ASN B 139 1.36 -0.79 26.08
CA ASN B 139 2.43 -1.45 26.83
C ASN B 139 2.83 -2.77 26.15
N PRO B 140 3.62 -2.66 25.07
CA PRO B 140 3.99 -3.87 24.28
C PRO B 140 4.78 -4.90 25.08
N ASP B 141 4.65 -6.17 24.69
CA ASP B 141 5.53 -7.23 25.15
C ASP B 141 6.90 -7.10 24.48
N ARG B 142 7.88 -7.87 24.95
CA ARG B 142 9.22 -7.81 24.38
C ARG B 142 9.75 -9.16 23.96
N PRO B 143 9.14 -9.80 22.96
CA PRO B 143 9.64 -11.11 22.57
C PRO B 143 11.04 -10.98 21.96
N GLN B 144 11.75 -12.11 21.87
CA GLN B 144 13.10 -12.16 21.38
C GLN B 144 13.03 -12.95 20.10
N LEU B 145 13.60 -12.37 19.04
CA LEU B 145 13.48 -12.93 17.73
C LEU B 145 14.86 -12.92 17.05
N PRO B 146 15.09 -13.86 16.14
CA PRO B 146 16.38 -13.97 15.47
C PRO B 146 16.64 -12.74 14.61
N PRO B 147 17.92 -12.40 14.39
CA PRO B 147 18.29 -11.20 13.62
C PRO B 147 17.61 -11.10 12.24
N ARG B 148 17.64 -12.16 11.44
CA ARG B 148 17.05 -12.05 10.10
C ARG B 148 15.53 -11.91 10.14
N PHE B 149 14.89 -12.56 11.12
CA PHE B 149 13.47 -12.39 11.30
C PHE B 149 13.16 -10.91 11.58
N GLU B 150 13.92 -10.31 12.49
CA GLU B 150 13.75 -8.89 12.81
C GLU B 150 13.94 -8.01 11.58
N LYS B 151 14.99 -8.26 10.80
CA LYS B 151 15.22 -7.52 9.58
C LYS B 151 14.04 -7.62 8.61
N GLU B 152 13.51 -8.83 8.38
CA GLU B 152 12.38 -8.98 7.47
C GLU B 152 11.17 -8.14 7.93
N CYS B 153 10.93 -8.15 9.25
CA CYS B 153 9.83 -7.40 9.89
C CYS B 153 9.87 -5.90 9.70
N THR B 154 11.07 -5.31 9.64
CA THR B 154 11.24 -3.87 9.44
C THR B 154 11.37 -3.55 7.96
N SER B 155 11.68 -4.56 7.17
CA SER B 155 11.96 -4.34 5.76
C SER B 155 10.69 -4.56 4.99
N GLU B 156 10.06 -3.44 4.62
CA GLU B 156 8.73 -3.38 4.04
C GLU B 156 8.82 -3.00 2.57
N GLY B 157 8.55 -3.94 1.66
CA GLY B 157 8.58 -3.64 0.23
C GLY B 157 9.90 -3.89 -0.48
N THR B 158 11.01 -3.78 0.26
CA THR B 158 12.33 -4.14 -0.28
C THR B 158 12.54 -5.66 -0.24
N SER B 159 11.60 -6.37 0.39
CA SER B 159 11.67 -7.83 0.54
C SER B 159 10.27 -8.41 0.67
N GLN B 160 10.08 -9.58 0.08
CA GLN B 160 8.79 -10.31 0.15
C GLN B 160 8.96 -11.69 0.79
N THR B 161 10.04 -11.85 1.54
CA THR B 161 10.32 -13.07 2.27
C THR B 161 9.31 -13.34 3.39
N VAL B 162 8.76 -14.54 3.40
CA VAL B 162 7.98 -15.03 4.53
C VAL B 162 8.94 -15.56 5.59
N ALA B 163 8.78 -15.10 6.83
CA ALA B 163 9.70 -15.52 7.88
C ALA B 163 8.95 -16.29 8.95
N LEU B 164 9.54 -17.39 9.40
CA LEU B 164 9.02 -18.15 10.54
C LEU B 164 10.07 -18.44 11.58
N TYR B 165 9.68 -18.26 12.85
CA TYR B 165 10.49 -18.65 13.96
C TYR B 165 9.73 -19.67 14.80
N ILE B 166 10.28 -20.87 14.88
CA ILE B 166 9.62 -22.00 15.47
C ILE B 166 10.50 -22.50 16.61
N LYS B 167 10.04 -22.34 17.85
CA LYS B 167 10.83 -22.75 19.04
C LYS B 167 11.17 -24.24 19.12
N ASN B 168 10.21 -25.10 18.82
CA ASN B 168 10.45 -26.54 18.80
C ASN B 168 10.59 -27.04 17.34
N GLY B 169 11.81 -26.94 16.81
CA GLY B 169 12.09 -27.36 15.44
C GLY B 169 11.97 -28.86 15.22
N GLY B 170 12.43 -29.66 16.19
CA GLY B 170 12.27 -31.11 16.12
C GLY B 170 10.85 -31.53 15.82
N HIS B 171 9.91 -31.06 16.64
CA HIS B 171 8.48 -31.34 16.50
C HIS B 171 7.86 -30.80 15.20
N PHE B 172 8.46 -29.75 14.63
CA PHE B 172 7.99 -29.16 13.37
C PHE B 172 8.56 -29.88 12.16
N ILE B 173 9.89 -29.88 12.04
CA ILE B 173 10.65 -30.37 10.87
C ILE B 173 10.09 -31.62 10.18
N THR B 174 9.40 -32.45 10.94
CA THR B 174 8.73 -33.65 10.42
C THR B 174 7.68 -33.31 9.34
N LYS B 175 6.94 -32.23 9.54
CA LYS B 175 5.91 -31.78 8.59
C LYS B 175 6.53 -31.39 7.24
N LEU B 176 7.66 -30.69 7.30
CA LEU B 176 8.35 -30.17 6.11
C LEU B 176 9.08 -31.25 5.30
N LEU B 177 9.40 -32.35 5.95
CA LEU B 177 10.26 -33.41 5.40
C LEU B 177 9.49 -34.66 4.95
N ASN B 178 8.14 -34.56 4.95
CA ASN B 178 7.24 -35.70 4.63
C ASN B 178 7.27 -36.84 5.66
N PHE B 179 7.65 -36.52 6.90
CA PHE B 179 7.81 -37.49 7.98
C PHE B 179 6.54 -37.71 8.79
N PRO B 180 6.38 -38.93 9.34
CA PRO B 180 5.47 -39.10 10.48
C PRO B 180 6.16 -38.54 11.72
N GLN B 181 5.39 -37.92 12.61
CA GLN B 181 5.95 -37.22 13.79
C GLN B 181 6.80 -38.16 14.67
N LEU B 182 8.10 -37.86 14.76
CA LEU B 182 9.07 -38.74 15.46
C LEU B 182 9.57 -38.23 16.82
N ASN B 183 9.36 -36.93 17.10
CA ASN B 183 9.94 -36.25 18.29
C ASN B 183 11.48 -36.22 18.26
N LEU B 184 12.05 -35.30 17.48
CA LEU B 184 13.51 -35.18 17.36
C LEU B 184 14.10 -34.26 18.43
N PRO B 185 15.33 -34.56 18.92
CA PRO B 185 15.95 -33.82 20.02
C PRO B 185 16.63 -32.50 19.59
N LEU B 186 16.01 -31.78 18.66
CA LEU B 186 16.54 -30.54 18.10
C LEU B 186 15.80 -29.31 18.62
N GLY B 187 16.41 -28.14 18.47
CA GLY B 187 15.86 -26.89 19.02
C GLY B 187 15.14 -26.02 18.01
N ALA B 188 15.33 -24.70 18.13
CA ALA B 188 14.63 -23.72 17.31
C ALA B 188 14.98 -23.80 15.82
N MET B 189 14.00 -23.59 14.94
CA MET B 189 14.30 -23.31 13.55
C MET B 189 13.83 -21.96 13.06
N GLU B 190 14.68 -21.33 12.26
CA GLU B 190 14.32 -20.18 11.48
C GLU B 190 14.12 -20.68 10.05
N LEU B 191 13.11 -20.15 9.37
CA LEU B 191 12.76 -20.58 8.04
C LEU B 191 12.35 -19.34 7.24
N TYR B 192 13.03 -19.14 6.11
CA TYR B 192 12.79 -17.98 5.25
C TYR B 192 12.48 -18.46 3.83
N LEU B 193 11.33 -18.01 3.34
CA LEU B 193 10.78 -18.49 2.07
C LEU B 193 10.49 -17.34 1.15
N THR B 194 10.74 -17.56 -0.13
CA THR B 194 10.48 -16.52 -1.11
C THR B 194 9.93 -17.12 -2.40
N ALA B 195 8.89 -16.49 -2.95
CA ALA B 195 8.18 -17.01 -4.11
C ALA B 195 9.01 -16.94 -5.37
N ARG B 196 9.13 -18.10 -6.01
CA ARG B 196 9.68 -18.19 -7.35
C ARG B 196 8.60 -18.85 -8.20
N ARG B 197 7.83 -18.05 -8.92
CA ARG B 197 6.80 -18.54 -9.84
C ARG B 197 5.65 -19.25 -9.11
N ASN B 198 5.55 -20.57 -9.26
CA ASN B 198 4.51 -21.36 -8.62
C ASN B 198 5.10 -22.14 -7.45
N GLU B 199 6.31 -21.76 -7.09
CA GLU B 199 7.13 -22.44 -6.11
C GLU B 199 7.68 -21.47 -5.08
N TYR B 200 8.24 -22.01 -4.00
CA TYR B 200 8.94 -21.22 -3.00
C TYR B 200 10.32 -21.77 -2.79
N LEU B 201 11.31 -20.89 -2.88
CA LEU B 201 12.65 -21.20 -2.42
C LEU B 201 12.71 -20.93 -0.92
N TYR B 202 13.44 -21.76 -0.20
CA TYR B 202 13.59 -21.56 1.24
C TYR B 202 15.01 -21.76 1.71
N THR B 203 15.31 -21.19 2.88
CA THR B 203 16.54 -21.44 3.59
C THR B 203 16.21 -21.60 5.09
N LEU B 204 16.79 -22.57 5.75
CA LEU B 204 16.49 -22.73 7.15
C LEU B 204 17.74 -22.96 7.98
N SER B 205 17.61 -22.67 9.25
CA SER B 205 18.65 -22.93 10.20
C SER B 205 18.03 -23.69 11.35
N LEU B 206 18.75 -24.69 11.85
CA LEU B 206 18.26 -25.57 12.89
C LEU B 206 19.28 -25.72 14.02
N GLN B 207 18.85 -25.42 15.24
CA GLN B 207 19.72 -25.61 16.42
C GLN B 207 19.89 -27.09 16.72
N LEU B 208 21.13 -27.53 16.83
CA LEU B 208 21.44 -28.95 17.00
C LEU B 208 21.77 -29.33 18.45
N GLY B 209 22.13 -28.34 19.27
CA GLY B 209 22.61 -28.61 20.62
C GLY B 209 23.99 -29.24 20.59
N ASN B 210 24.23 -30.23 21.42
CA ASN B 210 25.56 -30.84 21.52
C ASN B 210 25.78 -32.10 20.66
N ALA B 211 24.68 -32.72 20.23
CA ALA B 211 24.74 -33.87 19.33
C ALA B 211 25.30 -33.45 17.96
N LYS B 212 26.25 -34.24 17.48
CA LYS B 212 26.87 -33.98 16.18
C LYS B 212 26.09 -34.66 15.06
N ILE B 213 26.09 -34.03 13.90
CA ILE B 213 25.50 -34.61 12.71
C ILE B 213 26.64 -34.95 11.75
N ASN B 214 26.89 -36.23 11.53
CA ASN B 214 27.95 -36.69 10.63
C ASN B 214 27.57 -36.54 9.15
N PHE B 215 28.54 -36.75 8.26
CA PHE B 215 28.31 -36.57 6.83
C PHE B 215 27.25 -37.51 6.20
N PRO B 216 27.20 -38.79 6.62
CA PRO B 216 26.16 -39.68 6.08
C PRO B 216 24.72 -39.17 6.24
N ILE B 217 24.35 -38.74 7.45
CA ILE B 217 23.04 -38.14 7.67
C ILE B 217 22.90 -36.84 6.85
N GLN B 218 23.93 -36.00 6.92
CA GLN B 218 24.03 -34.74 6.16
C GLN B 218 23.75 -35.01 4.67
N PHE B 219 24.39 -36.05 4.14
CA PHE B 219 24.18 -36.50 2.75
C PHE B 219 22.73 -36.92 2.46
N LEU B 220 22.16 -37.79 3.29
CA LEU B 220 20.83 -38.34 3.00
C LEU B 220 19.71 -37.29 3.06
N ILE B 221 19.66 -36.52 4.15
CA ILE B 221 18.77 -35.36 4.26
C ILE B 221 18.81 -34.53 2.98
N SER B 222 20.03 -34.26 2.53
CA SER B 222 20.30 -33.46 1.35
C SER B 222 19.66 -34.06 0.09
N ARG B 223 19.53 -35.37 0.07
CA ARG B 223 18.92 -36.06 -1.06
C ARG B 223 17.39 -36.07 -0.98
N VAL B 224 16.86 -36.32 0.22
CA VAL B 224 15.40 -36.26 0.43
C VAL B 224 14.86 -34.87 0.10
N LEU B 225 15.67 -33.85 0.37
CA LEU B 225 15.25 -32.45 0.25
C LEU B 225 15.68 -31.84 -1.09
N ASN B 226 16.72 -32.40 -1.70
CA ASN B 226 17.27 -31.89 -2.94
C ASN B 226 17.75 -30.46 -2.75
N ALA B 227 18.76 -30.31 -1.88
CA ALA B 227 19.24 -29.01 -1.41
C ALA B 227 20.64 -29.11 -0.84
N HIS B 228 21.33 -27.98 -0.72
CA HIS B 228 22.65 -27.94 -0.10
C HIS B 228 22.54 -27.84 1.41
N ILE B 229 23.51 -28.44 2.10
CA ILE B 229 23.45 -28.66 3.54
C ILE B 229 24.83 -28.49 4.15
N HIS B 230 24.90 -27.83 5.31
CA HIS B 230 26.14 -27.74 6.06
C HIS B 230 25.94 -27.36 7.52
N VAL B 231 26.90 -27.75 8.35
CA VAL B 231 26.91 -27.44 9.77
C VAL B 231 27.75 -26.20 9.97
N GLU B 232 27.25 -25.27 10.80
CA GLU B 232 28.00 -24.12 11.26
C GLU B 232 27.84 -24.07 12.77
N GLY B 233 28.94 -24.33 13.50
CA GLY B 233 28.87 -24.44 14.95
C GLY B 233 27.85 -25.50 15.34
N ASP B 234 26.84 -25.09 16.10
CA ASP B 234 25.77 -25.97 16.54
C ASP B 234 24.49 -25.77 15.72
N ARG B 235 24.63 -25.25 14.50
CA ARG B 235 23.47 -25.11 13.62
C ARG B 235 23.56 -25.90 12.31
N LEU B 236 22.43 -26.47 11.91
CA LEU B 236 22.29 -27.14 10.64
C LEU B 236 21.64 -26.18 9.67
N ILE B 237 22.32 -25.93 8.56
CA ILE B 237 21.87 -24.94 7.61
C ILE B 237 21.47 -25.59 6.29
N ILE B 238 20.21 -25.39 5.93
CA ILE B 238 19.68 -25.89 4.65
C ILE B 238 19.42 -24.73 3.71
N GLU B 239 19.93 -24.82 2.49
CA GLU B 239 19.72 -23.76 1.50
C GLU B 239 19.45 -24.29 0.09
N ASP B 240 18.88 -23.41 -0.75
CA ASP B 240 18.48 -23.75 -2.12
C ASP B 240 17.46 -24.88 -2.14
N GLY B 241 16.67 -24.98 -1.08
CA GLY B 241 15.56 -25.92 -1.05
C GLY B 241 14.40 -25.31 -1.80
N THR B 242 13.50 -26.17 -2.28
CA THR B 242 12.30 -25.69 -2.94
C THR B 242 11.09 -26.50 -2.53
N ILE B 243 9.95 -25.83 -2.48
CA ILE B 243 8.65 -26.43 -2.17
C ILE B 243 7.61 -25.70 -3.02
N SER B 244 6.59 -26.42 -3.49
CA SER B 244 5.57 -25.79 -4.32
C SER B 244 4.65 -24.95 -3.45
N ALA B 245 3.97 -23.98 -4.07
CA ALA B 245 3.05 -23.10 -3.35
C ALA B 245 1.94 -23.90 -2.68
N GLU B 246 1.51 -24.98 -3.33
CA GLU B 246 0.42 -25.81 -2.84
C GLU B 246 0.74 -26.56 -1.54
N ARG B 247 1.93 -27.15 -1.43
CA ARG B 247 2.29 -27.92 -0.23
C ARG B 247 2.70 -27.01 0.92
N LEU B 248 3.17 -25.81 0.59
CA LEU B 248 3.50 -24.83 1.61
C LEU B 248 2.22 -24.34 2.31
N ALA B 249 1.12 -24.26 1.55
CA ALA B 249 -0.18 -23.87 2.08
C ALA B 249 -0.64 -24.76 3.24
N SER B 250 -0.72 -26.06 3.00
CA SER B 250 -1.17 -27.03 4.02
C SER B 250 -0.28 -27.05 5.26
N VAL B 251 1.02 -26.93 5.04
CA VAL B 251 2.01 -26.88 6.12
C VAL B 251 1.78 -25.68 7.06
N ILE B 252 1.46 -24.52 6.49
CA ILE B 252 1.11 -23.33 7.28
C ILE B 252 -0.15 -23.60 8.11
N SER B 253 -1.13 -24.26 7.48
CA SER B 253 -2.41 -24.61 8.12
C SER B 253 -2.28 -25.63 9.25
N SER B 254 -1.29 -26.51 9.15
CA SER B 254 -1.07 -27.59 10.12
C SER B 254 -0.67 -27.11 11.52
N LEU B 255 -0.17 -25.89 11.62
CA LEU B 255 0.19 -25.27 12.90
C LEU B 255 -0.99 -25.33 13.88
N TYR B 256 -2.18 -24.95 13.40
CA TYR B 256 -3.42 -25.11 14.16
C TYR B 256 -4.05 -26.48 13.91
N SER B 257 -4.44 -26.74 12.65
CA SER B 257 -5.08 -28.00 12.22
C SER B 257 -6.34 -28.34 13.01
C1 MPD C . 7.86 19.89 -8.86
C2 MPD C . 7.30 18.48 -9.02
O2 MPD C . 6.51 18.20 -7.84
CM MPD C . 8.47 17.52 -9.09
C3 MPD C . 6.40 18.38 -10.24
C4 MPD C . 5.45 17.18 -10.14
O4 MPD C . 6.18 16.03 -10.50
C5 MPD C . 4.23 17.32 -11.04
C1 MPD D . 4.93 20.13 -3.37
C2 MPD D . 3.51 19.63 -3.63
O2 MPD D . 3.61 18.53 -4.58
CM MPD D . 2.91 19.07 -2.34
C3 MPD D . 2.64 20.73 -4.23
C4 MPD D . 2.53 22.00 -3.39
O4 MPD D . 1.81 21.77 -2.20
C5 MPD D . 1.85 23.13 -4.17
#